data_7RV6
#
_entry.id   7RV6
#
_cell.length_a   30.339
_cell.length_b   72.177
_cell.length_c   54.811
_cell.angle_alpha   90.00
_cell.angle_beta   106.26
_cell.angle_gamma   90.00
#
_symmetry.space_group_name_H-M   'C 1 2 1'
#
loop_
_entity.id
_entity.type
_entity.pdbx_description
1 polymer 'Isoform 2 of B-cell lymphoma 6 protein'
2 non-polymer N-(3-chloropyridin-4-yl)-2-{4-oxo-2-[(2-phenylethyl)amino]-3,4-dihydro-7H-pyrrolo[2,3-d]pyrimidin-7-yl}acetamide
3 non-polymer 'DIMETHYL SULFOXIDE'
4 non-polymer GLYCEROL
5 water water
#
_entity_poly.entity_id   1
_entity_poly.type   'polypeptide(L)'
_entity_poly.pdbx_seq_one_letter_code
;GSADSQIQFTRHASDVLLNLNRLRSRDILTDVVIVVSREQFRAHKTVLMACSGLFYSIFTDQLKRNLSVINLDPEINPEG
FNILLDFMYTSRLNLREGNIMAVMATAMYLQMEHVVDTCRKFIKASE
;
_entity_poly.pdbx_strand_id   A
#
loop_
_chem_comp.id
_chem_comp.type
_chem_comp.name
_chem_comp.formula
7SC non-polymer N-(3-chloropyridin-4-yl)-2-{4-oxo-2-[(2-phenylethyl)amino]-3,4-dihydro-7H-pyrrolo[2,3-d]pyrimidin-7-yl}acetamide 'C21 H19 Cl N6 O2'
DMS non-polymer 'DIMETHYL SULFOXIDE' 'C2 H6 O S'
GOL non-polymer GLYCEROL 'C3 H8 O3'
#
# COMPACT_ATOMS: atom_id res chain seq x y z
N SER A 5 31.34 11.85 4.18
CA SER A 5 31.95 10.55 3.91
C SER A 5 31.07 9.70 3.01
N GLN A 6 29.76 9.78 3.21
CA GLN A 6 28.80 9.02 2.41
C GLN A 6 28.46 9.78 1.13
N ILE A 7 27.90 9.06 0.16
CA ILE A 7 27.53 9.65 -1.12
C ILE A 7 26.05 9.39 -1.41
N GLN A 8 25.21 10.42 -1.32
CA GLN A 8 23.76 10.19 -1.34
CA GLN A 8 23.75 10.23 -1.35
C GLN A 8 23.30 10.04 -2.79
N PHE A 9 22.67 8.91 -3.10
CA PHE A 9 22.07 8.64 -4.43
C PHE A 9 20.60 9.06 -4.36
N THR A 10 20.27 10.23 -4.91
CA THR A 10 18.96 10.86 -4.64
C THR A 10 17.80 10.09 -5.30
N ARG A 11 18.08 9.28 -6.31
N ARG A 11 18.10 9.29 -6.33
CA ARG A 11 17.02 8.56 -7.07
CA ARG A 11 17.09 8.56 -7.13
C ARG A 11 17.07 7.06 -6.75
C ARG A 11 17.03 7.08 -6.70
N HIS A 12 17.95 6.62 -5.85
CA HIS A 12 18.11 5.17 -5.56
C HIS A 12 16.83 4.60 -4.95
N ALA A 13 16.26 5.23 -3.91
CA ALA A 13 15.04 4.69 -3.28
C ALA A 13 13.90 4.61 -4.29
N SER A 14 13.71 5.64 -5.12
CA SER A 14 12.67 5.63 -6.18
CA SER A 14 12.64 5.62 -6.16
C SER A 14 12.93 4.50 -7.17
N ASP A 15 14.19 4.30 -7.55
CA ASP A 15 14.54 3.23 -8.53
C ASP A 15 14.23 1.87 -7.90
N VAL A 16 14.56 1.68 -6.63
CA VAL A 16 14.30 0.40 -5.92
C VAL A 16 12.79 0.15 -5.96
N LEU A 17 12.01 1.16 -5.59
CA LEU A 17 10.54 0.98 -5.51
C LEU A 17 9.96 0.63 -6.90
N LEU A 18 10.41 1.31 -7.95
CA LEU A 18 9.95 1.02 -9.33
C LEU A 18 10.26 -0.46 -9.64
N ASN A 19 11.43 -0.93 -9.26
CA ASN A 19 11.88 -2.32 -9.57
C ASN A 19 11.05 -3.30 -8.74
N LEU A 20 10.78 -2.98 -7.49
CA LEU A 20 9.87 -3.78 -6.66
C LEU A 20 8.48 -3.84 -7.32
N ASN A 21 7.99 -2.74 -7.88
CA ASN A 21 6.68 -2.76 -8.58
C ASN A 21 6.75 -3.65 -9.84
N ARG A 22 7.88 -3.61 -10.56
CA ARG A 22 8.11 -4.50 -11.73
C ARG A 22 8.04 -5.95 -11.27
N LEU A 23 8.68 -6.29 -10.15
CA LEU A 23 8.64 -7.68 -9.61
C LEU A 23 7.19 -8.05 -9.28
N ARG A 24 6.45 -7.16 -8.64
CA ARG A 24 5.00 -7.46 -8.35
C ARG A 24 4.26 -7.76 -9.66
N SER A 25 4.46 -6.94 -10.68
CA SER A 25 3.75 -7.00 -11.98
C SER A 25 4.05 -8.32 -12.67
N ARG A 26 5.13 -8.97 -12.27
CA ARG A 26 5.56 -10.25 -12.87
C ARG A 26 5.38 -11.40 -11.89
N ASP A 27 4.82 -11.13 -10.72
CA ASP A 27 4.62 -12.17 -9.68
C ASP A 27 5.96 -12.81 -9.30
N ILE A 28 7.01 -12.01 -9.29
CA ILE A 28 8.34 -12.53 -8.88
C ILE A 28 8.51 -12.27 -7.38
N LEU A 29 8.62 -13.34 -6.59
CA LEU A 29 8.88 -13.35 -5.11
C LEU A 29 7.71 -12.73 -4.34
N THR A 30 6.55 -12.53 -4.96
CA THR A 30 5.30 -12.23 -4.23
C THR A 30 4.97 -13.38 -3.28
N ASP A 31 4.50 -13.08 -2.09
CA ASP A 31 4.36 -14.08 -1.01
C ASP A 31 3.01 -13.95 -0.31
N VAL A 32 2.11 -13.11 -0.81
CA VAL A 32 0.80 -12.99 -0.17
C VAL A 32 -0.22 -12.61 -1.24
N VAL A 33 -1.44 -13.10 -1.04
CA VAL A 33 -2.60 -12.56 -1.81
CA VAL A 33 -2.65 -12.65 -1.79
C VAL A 33 -3.55 -11.91 -0.81
N ILE A 34 -3.95 -10.68 -1.14
CA ILE A 34 -4.90 -9.91 -0.31
C ILE A 34 -6.24 -10.06 -1.01
N VAL A 35 -7.23 -10.65 -0.35
CA VAL A 35 -8.58 -10.84 -0.91
C VAL A 35 -9.50 -9.73 -0.35
N VAL A 36 -10.14 -8.98 -1.23
CA VAL A 36 -10.99 -7.80 -0.89
C VAL A 36 -12.25 -7.98 -1.70
N SER A 37 -13.31 -8.48 -1.07
CA SER A 37 -14.56 -8.83 -1.77
C SER A 37 -14.22 -9.87 -2.84
N ARG A 38 -14.53 -9.62 -4.12
CA ARG A 38 -14.31 -10.62 -5.20
C ARG A 38 -12.94 -10.40 -5.86
N GLU A 39 -12.13 -9.47 -5.36
CA GLU A 39 -10.79 -9.12 -5.90
C GLU A 39 -9.70 -9.92 -5.18
N GLN A 40 -8.64 -10.28 -5.91
CA GLN A 40 -7.40 -10.81 -5.31
C GLN A 40 -6.25 -9.94 -5.79
N PHE A 41 -5.41 -9.48 -4.86
CA PHE A 41 -4.21 -8.69 -5.19
C PHE A 41 -2.98 -9.35 -4.59
N ARG A 42 -2.02 -9.70 -5.44
N ARG A 42 -1.99 -9.67 -5.42
CA ARG A 42 -0.72 -10.28 -4.99
CA ARG A 42 -0.73 -10.30 -4.96
C ARG A 42 0.21 -9.13 -4.59
C ARG A 42 0.32 -9.21 -4.69
N ALA A 43 1.10 -9.40 -3.63
CA ALA A 43 2.06 -8.39 -3.16
C ALA A 43 3.23 -9.05 -2.43
N HIS A 44 4.20 -8.23 -2.06
CA HIS A 44 5.35 -8.62 -1.20
C HIS A 44 5.00 -8.16 0.21
N LYS A 45 5.01 -9.06 1.19
CA LYS A 45 4.71 -8.69 2.54
C LYS A 45 5.65 -7.60 3.03
N THR A 46 6.90 -7.65 2.61
CA THR A 46 7.89 -6.61 3.01
C THR A 46 7.36 -5.23 2.63
N VAL A 47 6.87 -5.05 1.41
CA VAL A 47 6.36 -3.73 0.97
C VAL A 47 5.09 -3.39 1.77
N LEU A 48 4.21 -4.36 2.00
CA LEU A 48 2.96 -4.11 2.77
C LEU A 48 3.35 -3.64 4.18
N MET A 49 4.35 -4.27 4.79
CA MET A 49 4.78 -3.95 6.17
C MET A 49 5.39 -2.54 6.19
N ALA A 50 6.12 -2.20 5.12
CA ALA A 50 6.83 -0.91 4.98
C ALA A 50 5.82 0.24 4.86
N CYS A 51 4.57 -0.02 4.43
CA CYS A 51 3.66 1.08 4.03
C CYS A 51 2.40 1.17 4.88
N SER A 52 2.13 0.20 5.75
CA SER A 52 0.83 0.02 6.41
C SER A 52 1.04 -0.46 7.85
N GLY A 53 0.49 0.26 8.83
CA GLY A 53 0.45 -0.17 10.23
C GLY A 53 -0.30 -1.48 10.39
N LEU A 54 -1.37 -1.69 9.61
CA LEU A 54 -2.18 -2.94 9.73
C LEU A 54 -1.34 -4.13 9.27
N PHE A 55 -0.70 -4.04 8.10
CA PHE A 55 0.13 -5.14 7.57
C PHE A 55 1.37 -5.30 8.43
N TYR A 56 1.96 -4.20 8.90
CA TYR A 56 3.14 -4.28 9.77
C TYR A 56 2.77 -5.13 10.98
N SER A 57 1.63 -4.79 11.60
CA SER A 57 1.18 -5.42 12.88
CA SER A 57 1.14 -5.41 12.87
C SER A 57 0.81 -6.89 12.64
N ILE A 58 0.35 -7.24 11.46
CA ILE A 58 0.03 -8.61 11.19
C ILE A 58 1.26 -9.45 10.99
N PHE A 59 2.11 -9.08 10.06
CA PHE A 59 3.29 -9.88 9.71
C PHE A 59 4.49 -9.83 10.66
N THR A 60 4.60 -8.81 11.51
CA THR A 60 5.68 -8.79 12.52
C THR A 60 5.42 -9.90 13.55
N ASP A 61 4.15 -10.27 13.74
CA ASP A 61 3.76 -11.25 14.72
C ASP A 61 4.17 -12.57 14.18
N GLN A 62 4.96 -13.34 14.92
CA GLN A 62 5.36 -14.65 14.45
C GLN A 62 4.20 -15.58 14.16
N LEU A 63 3.09 -15.39 14.84
CA LEU A 63 1.95 -16.24 14.62
C LEU A 63 1.34 -16.09 13.25
N LYS A 64 1.40 -14.90 12.70
CA LYS A 64 0.81 -14.64 11.40
C LYS A 64 1.83 -14.33 10.29
N ARG A 65 3.10 -14.33 10.61
CA ARG A 65 4.14 -14.00 9.66
C ARG A 65 4.14 -14.84 8.37
N ASN A 66 3.80 -16.11 8.46
CA ASN A 66 3.83 -16.97 7.29
C ASN A 66 2.50 -17.17 6.56
N LEU A 67 1.51 -16.36 6.86
CA LEU A 67 0.23 -16.44 6.18
C LEU A 67 0.44 -16.11 4.70
N SER A 68 -0.13 -16.88 3.79
CA SER A 68 -0.01 -16.61 2.33
C SER A 68 -1.28 -15.95 1.80
N VAL A 69 -2.35 -15.89 2.58
CA VAL A 69 -3.64 -15.28 2.16
C VAL A 69 -4.12 -14.40 3.31
N ILE A 70 -4.52 -13.17 3.01
CA ILE A 70 -5.17 -12.27 4.02
C ILE A 70 -6.50 -11.88 3.42
N ASN A 71 -7.59 -12.19 4.14
CA ASN A 71 -8.97 -11.76 3.78
C ASN A 71 -9.28 -10.47 4.54
N LEU A 72 -9.43 -9.34 3.85
CA LEU A 72 -9.86 -8.06 4.46
C LEU A 72 -11.38 -8.09 4.64
N ASP A 73 -11.91 -7.17 5.47
CA ASP A 73 -13.37 -7.02 5.69
C ASP A 73 -14.01 -6.94 4.31
N PRO A 74 -15.00 -7.81 4.01
CA PRO A 74 -15.78 -7.71 2.77
C PRO A 74 -16.33 -6.29 2.49
N GLU A 75 -16.49 -5.47 3.54
CA GLU A 75 -16.99 -4.07 3.44
C GLU A 75 -15.85 -3.12 2.98
N ILE A 76 -14.58 -3.54 3.00
CA ILE A 76 -13.41 -2.70 2.53
C ILE A 76 -13.59 -2.43 1.03
N ASN A 77 -13.47 -1.17 0.59
CA ASN A 77 -13.77 -0.77 -0.81
C ASN A 77 -12.63 -1.27 -1.69
N PRO A 78 -12.90 -2.13 -2.69
CA PRO A 78 -11.83 -2.72 -3.51
C PRO A 78 -11.10 -1.66 -4.33
N GLU A 79 -11.79 -0.64 -4.86
CA GLU A 79 -11.12 0.43 -5.63
C GLU A 79 -10.22 1.23 -4.67
N GLY A 80 -10.73 1.58 -3.48
CA GLY A 80 -9.90 2.22 -2.45
C GLY A 80 -8.63 1.41 -2.16
N PHE A 81 -8.76 0.10 -1.95
CA PHE A 81 -7.56 -0.74 -1.68
C PHE A 81 -6.60 -0.67 -2.88
N ASN A 82 -7.13 -0.83 -4.09
CA ASN A 82 -6.32 -0.86 -5.33
C ASN A 82 -5.52 0.45 -5.40
N ILE A 83 -6.16 1.58 -5.12
CA ILE A 83 -5.52 2.91 -5.18
C ILE A 83 -4.36 2.95 -4.19
N LEU A 84 -4.56 2.38 -3.00
CA LEU A 84 -3.57 2.45 -1.90
C LEU A 84 -2.43 1.47 -2.17
N LEU A 85 -2.72 0.28 -2.69
CA LEU A 85 -1.67 -0.69 -3.09
C LEU A 85 -0.81 -0.07 -4.20
N ASP A 86 -1.42 0.57 -5.19
CA ASP A 86 -0.64 1.26 -6.25
C ASP A 86 0.23 2.34 -5.62
N PHE A 87 -0.34 3.13 -4.71
CA PHE A 87 0.43 4.16 -3.99
C PHE A 87 1.65 3.53 -3.31
N MET A 88 1.48 2.39 -2.63
CA MET A 88 2.59 1.78 -1.84
C MET A 88 3.77 1.50 -2.78
N TYR A 89 3.48 1.06 -4.00
CA TYR A 89 4.53 0.62 -4.95
C TYR A 89 4.99 1.76 -5.86
N THR A 90 4.43 2.98 -5.75
CA THR A 90 4.71 4.06 -6.74
C THR A 90 5.01 5.42 -6.11
N SER A 91 4.56 5.68 -4.89
N SER A 91 4.54 5.68 -4.89
CA SER A 91 4.65 7.02 -4.25
CA SER A 91 4.59 7.01 -4.20
C SER A 91 3.62 7.98 -4.86
C SER A 91 3.49 7.94 -4.72
N ARG A 92 2.65 7.49 -5.62
N ARG A 92 2.65 7.47 -5.65
CA ARG A 92 1.67 8.34 -6.33
CA ARG A 92 1.66 8.34 -6.35
C ARG A 92 0.27 7.98 -5.85
C ARG A 92 0.26 7.98 -5.85
N LEU A 93 -0.45 8.97 -5.31
CA LEU A 93 -1.79 8.77 -4.72
C LEU A 93 -2.80 9.44 -5.65
N ASN A 94 -3.63 8.66 -6.32
CA ASN A 94 -4.68 9.12 -7.27
C ASN A 94 -5.93 9.49 -6.44
N LEU A 95 -5.96 10.67 -5.81
CA LEU A 95 -7.15 11.22 -5.09
C LEU A 95 -8.01 12.02 -6.07
N ARG A 96 -9.34 11.81 -6.02
CA ARG A 96 -10.31 12.50 -6.86
C ARG A 96 -11.58 12.67 -6.04
N GLU A 97 -12.47 13.56 -6.49
CA GLU A 97 -13.74 13.76 -5.78
C GLU A 97 -14.53 12.45 -5.67
N GLY A 98 -14.58 11.68 -6.73
CA GLY A 98 -15.30 10.43 -6.72
C GLY A 98 -14.73 9.34 -5.81
N ASN A 99 -13.45 9.42 -5.45
CA ASN A 99 -12.86 8.38 -4.59
C ASN A 99 -12.31 8.78 -3.21
N ILE A 100 -12.23 10.08 -2.91
CA ILE A 100 -11.53 10.60 -1.69
C ILE A 100 -12.03 9.90 -0.41
N MET A 101 -13.36 9.79 -0.21
CA MET A 101 -13.91 9.24 1.05
C MET A 101 -13.55 7.76 1.14
N ALA A 102 -13.62 7.01 0.03
CA ALA A 102 -13.29 5.57 -0.02
C ALA A 102 -11.81 5.37 0.29
N VAL A 103 -10.94 6.19 -0.31
CA VAL A 103 -9.48 6.11 -0.08
C VAL A 103 -9.18 6.47 1.38
N MET A 104 -9.73 7.57 1.90
CA MET A 104 -9.43 7.99 3.29
C MET A 104 -9.88 6.88 4.26
N ALA A 105 -11.07 6.31 4.06
CA ALA A 105 -11.60 5.27 4.98
C ALA A 105 -10.74 4.02 4.89
N THR A 106 -10.33 3.66 3.68
CA THR A 106 -9.43 2.50 3.47
C THR A 106 -8.07 2.76 4.11
N ALA A 107 -7.49 3.94 3.95
CA ALA A 107 -6.19 4.31 4.57
C ALA A 107 -6.31 4.27 6.10
N MET A 108 -7.45 4.65 6.68
CA MET A 108 -7.60 4.55 8.15
C MET A 108 -7.55 3.09 8.58
N TYR A 109 -8.26 2.23 7.88
CA TYR A 109 -8.31 0.77 8.15
C TYR A 109 -6.90 0.17 8.02
N LEU A 110 -6.14 0.54 6.98
CA LEU A 110 -4.76 0.04 6.74
C LEU A 110 -3.75 0.76 7.63
N GLN A 111 -4.19 1.75 8.41
CA GLN A 111 -3.32 2.48 9.36
C GLN A 111 -2.14 3.08 8.59
N MET A 112 -2.50 3.90 7.62
CA MET A 112 -1.59 4.68 6.77
C MET A 112 -1.81 6.17 7.12
N GLU A 113 -1.25 6.56 8.28
CA GLU A 113 -1.51 7.85 8.96
C GLU A 113 -1.19 9.03 8.04
N HIS A 114 -0.01 9.04 7.41
CA HIS A 114 0.43 10.14 6.53
C HIS A 114 -0.53 10.25 5.35
N VAL A 115 -1.01 9.13 4.79
CA VAL A 115 -2.02 9.15 3.70
C VAL A 115 -3.36 9.71 4.20
N VAL A 116 -3.83 9.27 5.37
CA VAL A 116 -5.06 9.84 5.97
C VAL A 116 -4.94 11.36 6.11
N ASP A 117 -3.84 11.83 6.67
CA ASP A 117 -3.62 13.28 6.87
C ASP A 117 -3.64 14.02 5.52
N THR A 118 -3.03 13.43 4.50
CA THR A 118 -3.00 14.00 3.13
C THR A 118 -4.43 14.08 2.56
N CYS A 119 -5.24 13.04 2.77
CA CYS A 119 -6.68 13.07 2.38
C CYS A 119 -7.37 14.22 3.11
N ARG A 120 -7.03 14.43 4.39
CA ARG A 120 -7.62 15.53 5.20
C ARG A 120 -7.27 16.87 4.56
N LYS A 121 -5.99 17.06 4.25
CA LYS A 121 -5.56 18.28 3.61
C LYS A 121 -6.24 18.43 2.27
N PHE A 122 -6.48 17.33 1.57
CA PHE A 122 -7.16 17.34 0.28
C PHE A 122 -8.57 17.85 0.40
N ILE A 123 -9.29 17.33 1.38
CA ILE A 123 -10.65 17.73 1.66
C ILE A 123 -10.66 19.22 1.99
N LYS A 124 -9.73 19.66 2.82
CA LYS A 124 -9.60 21.03 3.22
C LYS A 124 -9.26 21.98 2.05
N ALA A 125 -8.52 21.49 1.07
CA ALA A 125 -8.12 22.30 -0.07
C ALA A 125 -9.08 22.22 -1.22
N SER A 126 -10.13 21.43 -1.09
CA SER A 126 -11.09 21.31 -2.15
C SER A 126 -12.41 21.91 -1.69
N GLU A 127 -13.32 22.15 -2.63
CA GLU A 127 -14.60 22.71 -2.31
C GLU A 127 -15.31 21.83 -1.29
N12 7SC B . 3.93 2.07 8.36
C14 7SC B . 2.87 3.89 7.70
C15 7SC B . 2.49 3.61 9.01
C18 7SC B . 2.12 2.48 11.58
C20 7SC B . 2.67 0.76 13.33
C21 7SC B . 3.95 1.42 13.88
C22 7SC B . 4.94 0.57 14.70
C23 7SC B . 4.50 -0.29 15.70
C24 7SC B . 5.41 -1.04 16.43
O01 7SC B . 6.29 1.87 9.99
C02 7SC B . 5.94 0.90 9.33
N03 7SC B . 6.69 -0.31 9.23
C04 7SC B . 7.88 -0.61 9.99
C05 7SC B . 8.19 -0.03 11.22
C06 7SC B . 9.34 -0.41 11.91
N07 7SC B . 10.13 -1.37 11.40
C08 7SC B . 9.84 -1.94 10.23
C09 7SC B . 8.71 -1.59 9.50
CL10 7SC B . 8.41 -2.40 8.01
C11 7SC B . 4.71 0.87 8.41
C13 7SC B . 3.77 2.91 7.31
C16 7SC B . 3.15 2.46 9.39
N17 7SC B . 3.01 1.86 10.68
N19 7SC B . 1.92 1.92 12.89
C25 7SC B . 6.78 -0.93 16.18
C26 7SC B . 7.23 -0.07 15.18
C27 7SC B . 6.30 0.69 14.45
N28 7SC B . 1.42 3.66 11.22
C29 7SC B . 1.57 4.26 9.98
O30 7SC B . 0.91 5.30 9.74
H141 7SC B . 2.56 4.64 7.16
H201 7SC B . 2.87 0.16 12.58
H202 7SC B . 2.19 0.28 14.03
H211 7SC B . 3.67 2.18 14.45
H212 7SC B . 4.44 1.79 13.11
H231 7SC B . 3.55 -0.37 15.88
H241 7SC B . 5.09 -1.65 17.13
H031 7SC B . 6.34 -0.98 8.71
H051 7SC B . 7.61 0.66 11.61
H061 7SC B . 9.55 0.01 12.77
H081 7SC B . 10.43 -2.63 9.87
H112 7SC B . 5.02 0.69 7.50
H111 7SC B . 4.13 0.14 8.69
H131 7SC B . 4.21 2.84 6.44
H191 7SC B . 1.38 2.35 13.48
H251 7SC B . 7.42 -1.46 16.69
H261 7SC B . 8.18 0.01 15.00
H271 7SC B . 6.62 1.29 13.75
H281 7SC B . 0.87 4.05 11.85
S DMS C . 25.06 10.43 -6.87
O DMS C . 23.67 11.00 -6.98
C1 DMS C . 25.25 9.32 -8.25
C2 DMS C . 26.16 11.70 -7.46
H11 DMS C . 26.14 8.95 -8.23
H12 DMS C . 25.11 9.81 -9.07
H13 DMS C . 24.59 8.61 -8.17
H21 DMS C . 27.07 11.39 -7.42
H22 DMS C . 26.06 12.48 -6.90
H23 DMS C . 25.93 11.93 -8.38
C1 GOL D . 10.71 -11.29 0.40
O1 GOL D . 10.22 -11.27 1.73
C2 GOL D . 9.79 -10.53 -0.53
O2 GOL D . 10.15 -9.15 -0.53
C3 GOL D . 8.32 -10.69 -0.17
O3 GOL D . 7.99 -10.23 1.14
H11 GOL D . 10.77 -12.24 0.10
H12 GOL D . 11.62 -10.90 0.36
HO1 GOL D . 10.77 -11.71 2.22
H2 GOL D . 9.91 -10.89 -1.44
HO2 GOL D . 9.48 -8.71 -0.35
H31 GOL D . 8.09 -11.65 -0.24
H32 GOL D . 7.78 -10.20 -0.83
HO3 GOL D . 8.65 -10.47 1.67
#